data_7E2S
#
_entry.id   7E2S
#
_cell.length_a   32.497
_cell.length_b   64.449
_cell.length_c   106.850
_cell.angle_alpha   90.000
_cell.angle_beta   90.000
_cell.angle_gamma   90.000
#
_symmetry.space_group_name_H-M   'P 21 21 21'
#
loop_
_entity.id
_entity.type
_entity.pdbx_description
1 polymer 'Ycf53-like protein'
2 non-polymer 'BILIVERDINE IX ALPHA'
3 non-polymer GLYCEROL
4 water water
#
_entity_poly.entity_id   1
_entity_poly.type   'polypeptide(L)'
_entity_poly.pdbx_seq_one_letter_code
;MSDNLTELSQQLHDASEKKQLTAIAALAEMGEGGQGILLDYLAKNVPLEKPVLAVGNVYQTLRNLEQETITTQLQRNYPT
GIFPLQSAQGIDYLPLQEALGSQDFETADEITRDKLCELAGPGASQRQWLYFTEVEKFPALDLHTINALWWLHSNGNFGF
SVQRRLWLASGKEFTKLWPKIGWKSGNVWTRWPKGFTWDLSAPQGHLPLLNQLRGVRVAESLYRHPVWSQYGW
;
_entity_poly.pdbx_strand_id   A
#
# COMPACT_ATOMS: atom_id res chain seq x y z
N MET A 1 -25.91 0.04 -16.15
CA MET A 1 -27.02 -0.68 -15.47
C MET A 1 -27.66 -1.73 -16.37
N SER A 2 -27.28 -1.74 -17.64
CA SER A 2 -27.66 -2.83 -18.53
C SER A 2 -26.67 -4.00 -18.45
N ASP A 3 -25.59 -3.84 -17.69
CA ASP A 3 -24.63 -4.92 -17.52
C ASP A 3 -25.26 -6.06 -16.72
N ASN A 4 -24.72 -7.26 -16.92
CA ASN A 4 -25.29 -8.47 -16.36
C ASN A 4 -24.61 -8.75 -15.02
N LEU A 5 -25.38 -8.62 -13.93
CA LEU A 5 -24.82 -8.83 -12.60
C LEU A 5 -24.39 -10.28 -12.37
N THR A 6 -25.18 -11.25 -12.87
CA THR A 6 -24.79 -12.65 -12.71
C THR A 6 -23.44 -12.89 -13.35
N GLU A 7 -23.26 -12.40 -14.58
CA GLU A 7 -22.01 -12.64 -15.29
C GLU A 7 -20.87 -11.85 -14.69
N LEU A 8 -21.11 -10.61 -14.22
CA LEU A 8 -20.04 -9.87 -13.57
C LEU A 8 -19.66 -10.51 -12.25
N SER A 9 -20.63 -11.01 -11.48
CA SER A 9 -20.29 -11.74 -10.27
C SER A 9 -19.42 -12.94 -10.61
N GLN A 10 -19.79 -13.68 -11.67
CA GLN A 10 -19.00 -14.86 -12.03
C GLN A 10 -17.58 -14.46 -12.41
N GLN A 11 -17.45 -13.35 -13.15
CA GLN A 11 -16.13 -12.84 -13.53
C GLN A 11 -15.28 -12.51 -12.31
N LEU A 12 -15.89 -11.91 -11.28
CA LEU A 12 -15.18 -11.63 -10.04
C LEU A 12 -14.76 -12.92 -9.33
N HIS A 13 -15.59 -13.96 -9.37
CA HIS A 13 -15.31 -15.20 -8.65
C HIS A 13 -14.43 -16.16 -9.43
N ASP A 14 -14.23 -15.92 -10.72
CA ASP A 14 -13.26 -16.66 -11.52
C ASP A 14 -11.85 -16.28 -11.08
N ALA A 15 -10.84 -16.91 -11.69
CA ALA A 15 -9.48 -16.86 -11.18
C ALA A 15 -8.56 -15.91 -11.95
N SER A 16 -9.06 -15.20 -12.95
CA SER A 16 -8.23 -14.25 -13.69
C SER A 16 -8.18 -12.90 -12.99
N GLU A 17 -7.00 -12.50 -12.51
CA GLU A 17 -6.90 -11.22 -11.80
C GLU A 17 -7.28 -10.06 -12.71
N LYS A 18 -6.83 -10.09 -13.96
CA LYS A 18 -7.13 -8.95 -14.82
C LYS A 18 -8.64 -8.80 -15.04
N LYS A 19 -9.34 -9.91 -15.20
CA LYS A 19 -10.79 -9.85 -15.37
C LYS A 19 -11.52 -9.54 -14.06
N GLN A 20 -10.96 -9.92 -12.91
CA GLN A 20 -11.54 -9.48 -11.64
C GLN A 20 -11.56 -7.97 -11.56
N LEU A 21 -10.46 -7.32 -11.93
CA LEU A 21 -10.37 -5.87 -11.73
C LEU A 21 -11.39 -5.13 -12.58
N THR A 22 -11.59 -5.54 -13.83
CA THR A 22 -12.58 -4.86 -14.65
C THR A 22 -13.99 -5.14 -14.14
N ALA A 23 -14.24 -6.35 -13.65
CA ALA A 23 -15.55 -6.64 -13.08
C ALA A 23 -15.83 -5.78 -11.84
N ILE A 24 -14.83 -5.60 -10.97
CA ILE A 24 -15.01 -4.81 -9.76
C ILE A 24 -15.41 -3.38 -10.11
N ALA A 25 -14.69 -2.78 -11.06
CA ALA A 25 -14.98 -1.40 -11.44
C ALA A 25 -16.39 -1.28 -11.99
N ALA A 26 -16.83 -2.26 -12.79
CA ALA A 26 -18.17 -2.22 -13.34
C ALA A 26 -19.22 -2.41 -12.25
N LEU A 27 -19.00 -3.36 -11.35
CA LEU A 27 -19.97 -3.65 -10.31
C LEU A 27 -20.18 -2.45 -9.38
N ALA A 28 -19.12 -1.71 -9.08
CA ALA A 28 -19.24 -0.59 -8.16
C ALA A 28 -20.15 0.50 -8.70
N GLU A 29 -20.31 0.58 -10.02
CA GLU A 29 -21.19 1.56 -10.65
C GLU A 29 -22.59 1.03 -10.88
N MET A 30 -22.94 -0.09 -10.29
CA MET A 30 -24.23 -0.73 -10.54
C MET A 30 -25.10 -0.77 -9.28
N GLY A 31 -25.01 0.28 -8.48
CA GLY A 31 -25.95 0.50 -7.42
C GLY A 31 -25.96 -0.63 -6.41
N GLU A 32 -27.12 -0.83 -5.79
CA GLU A 32 -27.25 -1.78 -4.69
C GLU A 32 -26.87 -3.19 -5.12
N GLY A 33 -27.30 -3.61 -6.32
CA GLY A 33 -26.99 -4.96 -6.75
C GLY A 33 -25.50 -5.19 -6.90
N GLY A 34 -24.82 -4.30 -7.62
CA GLY A 34 -23.39 -4.47 -7.80
C GLY A 34 -22.62 -4.31 -6.51
N GLN A 35 -22.99 -3.31 -5.70
CA GLN A 35 -22.28 -3.09 -4.45
C GLN A 35 -22.51 -4.24 -3.48
N GLY A 36 -23.70 -4.87 -3.52
CA GLY A 36 -23.93 -6.03 -2.67
C GLY A 36 -23.05 -7.21 -3.04
N ILE A 37 -22.83 -7.42 -4.34
CA ILE A 37 -21.91 -8.47 -4.79
C ILE A 37 -20.51 -8.21 -4.24
N LEU A 38 -20.06 -6.96 -4.31
CA LEU A 38 -18.74 -6.60 -3.79
C LEU A 38 -18.66 -6.79 -2.28
N LEU A 39 -19.68 -6.37 -1.54
CA LEU A 39 -19.67 -6.55 -0.09
C LEU A 39 -19.61 -8.02 0.29
N ASP A 40 -20.34 -8.87 -0.44
CA ASP A 40 -20.29 -10.30 -0.15
C ASP A 40 -18.92 -10.88 -0.42
N TYR A 41 -18.28 -10.46 -1.52
CA TYR A 41 -16.92 -10.89 -1.80
C TYR A 41 -15.97 -10.53 -0.67
N LEU A 42 -16.07 -9.31 -0.13
CA LEU A 42 -15.24 -8.95 1.01
C LEU A 42 -15.52 -9.87 2.19
N ALA A 43 -16.80 -10.09 2.49
CA ALA A 43 -17.15 -10.87 3.66
C ALA A 43 -16.55 -12.26 3.60
N LYS A 44 -16.42 -12.81 2.39
CA LYS A 44 -15.90 -14.16 2.21
C LYS A 44 -14.38 -14.22 2.14
N ASN A 45 -13.70 -13.08 2.12
CA ASN A 45 -12.27 -13.05 1.90
C ASN A 45 -11.48 -12.25 2.94
N VAL A 46 -12.13 -11.71 3.95
CA VAL A 46 -11.50 -10.87 4.97
C VAL A 46 -11.77 -11.50 6.32
N PRO A 47 -10.79 -11.54 7.24
CA PRO A 47 -9.42 -11.03 7.12
C PRO A 47 -8.58 -11.82 6.13
N LEU A 48 -7.73 -11.11 5.41
CA LEU A 48 -6.75 -11.74 4.55
C LEU A 48 -5.72 -12.50 5.37
N GLU A 49 -5.17 -13.55 4.78
CA GLU A 49 -3.93 -14.15 5.27
C GLU A 49 -2.79 -13.57 4.45
N LYS A 50 -2.72 -13.90 3.19
CA LYS A 50 -1.77 -13.27 2.29
C LYS A 50 -2.40 -12.04 1.64
N PRO A 51 -1.62 -11.02 1.28
CA PRO A 51 -2.19 -9.90 0.52
C PRO A 51 -2.72 -10.40 -0.81
N VAL A 52 -3.95 -9.99 -1.13
CA VAL A 52 -4.59 -10.30 -2.40
C VAL A 52 -5.06 -8.97 -3.00
N LEU A 53 -4.50 -8.58 -4.14
CA LEU A 53 -4.76 -7.25 -4.67
CA LEU A 53 -4.76 -7.25 -4.68
C LEU A 53 -6.25 -7.02 -4.93
N ALA A 54 -6.94 -8.02 -5.49
CA ALA A 54 -8.35 -7.84 -5.80
C ALA A 54 -9.16 -7.52 -4.56
N VAL A 55 -8.83 -8.12 -3.42
CA VAL A 55 -9.56 -7.86 -2.19
C VAL A 55 -9.32 -6.44 -1.72
N GLY A 56 -8.06 -5.97 -1.79
CA GLY A 56 -7.79 -4.57 -1.50
C GLY A 56 -8.56 -3.66 -2.44
N ASN A 57 -8.60 -4.00 -3.72
CA ASN A 57 -9.30 -3.17 -4.69
C ASN A 57 -10.80 -3.13 -4.40
N VAL A 58 -11.41 -4.25 -3.99
CA VAL A 58 -12.83 -4.22 -3.64
C VAL A 58 -13.07 -3.28 -2.46
N TYR A 59 -12.31 -3.48 -1.38
CA TYR A 59 -12.47 -2.65 -0.21
C TYR A 59 -12.32 -1.18 -0.58
N GLN A 60 -11.25 -0.85 -1.29
CA GLN A 60 -10.95 0.55 -1.52
C GLN A 60 -11.91 1.18 -2.51
N THR A 61 -12.35 0.42 -3.51
CA THR A 61 -13.36 0.93 -4.44
C THR A 61 -14.63 1.28 -3.69
N LEU A 62 -15.04 0.42 -2.77
CA LEU A 62 -16.23 0.68 -1.97
C LEU A 62 -16.02 1.90 -1.07
N ARG A 63 -14.86 2.00 -0.38
CA ARG A 63 -14.59 3.19 0.42
C ARG A 63 -14.66 4.44 -0.43
N ASN A 64 -14.12 4.38 -1.64
CA ASN A 64 -13.98 5.57 -2.45
C ASN A 64 -15.32 6.08 -2.97
N LEU A 65 -16.38 5.28 -2.90
CA LEU A 65 -17.71 5.81 -3.20
C LEU A 65 -18.10 6.91 -2.22
N GLU A 66 -17.56 6.87 -1.01
CA GLU A 66 -17.86 7.86 0.03
C GLU A 66 -19.36 8.02 0.26
N GLN A 67 -20.06 6.88 0.29
CA GLN A 67 -21.49 6.84 0.59
C GLN A 67 -21.68 6.42 2.04
N GLU A 68 -22.58 7.09 2.74
CA GLU A 68 -22.74 6.90 4.18
C GLU A 68 -22.88 5.43 4.56
N THR A 69 -23.86 4.73 3.99
CA THR A 69 -24.15 3.39 4.48
C THR A 69 -22.99 2.43 4.24
N ILE A 70 -22.43 2.45 3.03
CA ILE A 70 -21.28 1.59 2.73
CA ILE A 70 -21.30 1.56 2.76
C ILE A 70 -20.13 1.89 3.68
N THR A 71 -19.83 3.17 3.87
CA THR A 71 -18.73 3.54 4.77
C THR A 71 -19.00 3.06 6.19
N THR A 72 -20.24 3.24 6.68
CA THR A 72 -20.60 2.76 8.01
C THR A 72 -20.43 1.24 8.12
N GLN A 73 -20.91 0.51 7.11
CA GLN A 73 -20.82 -0.95 7.14
C GLN A 73 -19.37 -1.42 7.10
N LEU A 74 -18.55 -0.80 6.27
CA LEU A 74 -17.14 -1.19 6.20
C LEU A 74 -16.44 -0.94 7.52
N GLN A 75 -16.71 0.21 8.15
CA GLN A 75 -16.03 0.52 9.40
CA GLN A 75 -16.04 0.53 9.41
C GLN A 75 -16.50 -0.40 10.53
N ARG A 76 -17.76 -0.78 10.54
CA ARG A 76 -18.27 -1.66 11.57
CA ARG A 76 -18.25 -1.66 11.58
C ARG A 76 -17.76 -3.09 11.37
N ASN A 77 -17.78 -3.58 10.13
CA ASN A 77 -17.39 -4.96 9.88
C ASN A 77 -15.88 -5.15 9.83
N TYR A 78 -15.15 -4.13 9.41
CA TYR A 78 -13.70 -4.20 9.21
C TYR A 78 -13.05 -3.01 9.91
N PRO A 79 -13.19 -2.92 11.24
CA PRO A 79 -12.71 -1.74 11.97
C PRO A 79 -11.21 -1.54 11.91
N THR A 80 -10.44 -2.60 11.64
CA THR A 80 -9.00 -2.49 11.47
C THR A 80 -8.58 -2.73 10.03
N GLY A 81 -9.53 -2.66 9.11
CA GLY A 81 -9.26 -2.94 7.72
C GLY A 81 -9.27 -4.42 7.39
N ILE A 82 -8.62 -4.75 6.28
CA ILE A 82 -8.74 -6.08 5.70
C ILE A 82 -7.54 -6.97 5.98
N PHE A 83 -6.47 -6.44 6.58
CA PHE A 83 -5.20 -7.14 6.71
C PHE A 83 -4.77 -7.14 8.17
N PRO A 84 -4.32 -8.28 8.71
CA PRO A 84 -3.91 -8.29 10.12
C PRO A 84 -2.83 -7.27 10.40
N LEU A 85 -3.02 -6.50 11.47
CA LEU A 85 -2.10 -5.40 11.80
C LEU A 85 -1.02 -5.89 12.78
N GLN A 86 -0.14 -6.76 12.27
CA GLN A 86 0.81 -7.48 13.11
CA GLN A 86 0.80 -7.48 13.11
C GLN A 86 2.15 -6.77 13.19
N SER A 87 2.77 -6.90 14.37
CA SER A 87 4.06 -6.29 14.66
C SER A 87 4.86 -7.21 15.58
N ALA A 88 6.16 -7.34 15.30
CA ALA A 88 7.09 -8.03 16.18
C ALA A 88 7.48 -7.19 17.40
N GLN A 89 7.01 -5.95 17.46
CA GLN A 89 7.30 -5.06 18.58
C GLN A 89 6.04 -4.46 19.18
N GLY A 90 4.87 -5.04 18.88
CA GLY A 90 3.63 -4.58 19.48
C GLY A 90 3.15 -3.22 19.00
N ILE A 91 3.66 -2.74 17.87
CA ILE A 91 3.34 -1.41 17.35
C ILE A 91 1.91 -1.35 16.81
N ASP A 92 1.29 -0.19 16.96
CA ASP A 92 -0.06 0.08 16.49
C ASP A 92 -0.03 0.62 15.06
N TYR A 93 -0.51 -0.18 14.12
CA TYR A 93 -0.59 0.22 12.71
C TYR A 93 -1.97 0.71 12.29
N LEU A 94 -2.92 0.84 13.22
CA LEU A 94 -4.25 1.30 12.82
C LEU A 94 -4.24 2.72 12.26
N PRO A 95 -3.52 3.69 12.84
CA PRO A 95 -3.53 5.03 12.21
C PRO A 95 -3.03 5.01 10.78
N LEU A 96 -2.02 4.19 10.49
CA LEU A 96 -1.56 4.05 9.12
C LEU A 96 -2.66 3.50 8.22
N GLN A 97 -3.32 2.43 8.67
CA GLN A 97 -4.40 1.85 7.88
C GLN A 97 -5.50 2.87 7.64
N GLU A 98 -5.85 3.66 8.67
CA GLU A 98 -6.95 4.59 8.53
C GLU A 98 -6.61 5.67 7.51
N ALA A 99 -5.38 6.17 7.54
CA ALA A 99 -4.97 7.16 6.54
C ALA A 99 -5.04 6.57 5.14
N LEU A 100 -4.56 5.35 4.98
CA LEU A 100 -4.61 4.71 3.68
C LEU A 100 -6.02 4.41 3.21
N GLY A 101 -6.90 3.96 4.11
CA GLY A 101 -8.28 3.73 3.73
C GLY A 101 -9.02 5.00 3.31
N SER A 102 -8.59 6.14 3.86
CA SER A 102 -9.09 7.45 3.45
C SER A 102 -8.38 8.01 2.22
N GLN A 103 -7.40 7.28 1.68
CA GLN A 103 -6.60 7.72 0.55
C GLN A 103 -5.84 9.01 0.86
N ASP A 104 -5.53 9.22 2.14
CA ASP A 104 -4.71 10.35 2.57
C ASP A 104 -3.26 9.89 2.58
N PHE A 105 -2.69 9.87 1.37
CA PHE A 105 -1.37 9.28 1.22
C PHE A 105 -0.28 10.14 1.86
N GLU A 106 -0.46 11.46 1.93
CA GLU A 106 0.54 12.30 2.59
C GLU A 106 0.61 11.97 4.09
N THR A 107 -0.55 11.89 4.75
CA THR A 107 -0.54 11.48 6.16
C THR A 107 0.04 10.09 6.31
N ALA A 108 -0.33 9.17 5.43
CA ALA A 108 0.20 7.81 5.52
C ALA A 108 1.71 7.80 5.41
N ASP A 109 2.26 8.63 4.51
CA ASP A 109 3.71 8.72 4.35
C ASP A 109 4.38 9.21 5.63
N GLU A 110 3.80 10.23 6.25
CA GLU A 110 4.33 10.76 7.51
C GLU A 110 4.29 9.71 8.61
N ILE A 111 3.15 9.02 8.74
CA ILE A 111 3.03 7.99 9.76
C ILE A 111 4.04 6.88 9.52
N THR A 112 4.22 6.47 8.26
CA THR A 112 5.16 5.40 7.95
C THR A 112 6.56 5.73 8.45
N ARG A 113 7.00 6.96 8.21
CA ARG A 113 8.32 7.36 8.69
CA ARG A 113 8.31 7.40 8.69
C ARG A 113 8.40 7.32 10.20
N ASP A 114 7.36 7.80 10.89
CA ASP A 114 7.35 7.75 12.34
C ASP A 114 7.43 6.31 12.84
N LYS A 115 6.69 5.41 12.18
CA LYS A 115 6.67 4.00 12.60
C LYS A 115 8.02 3.33 12.37
N LEU A 116 8.70 3.65 11.28
CA LEU A 116 10.01 3.06 11.05
C LEU A 116 11.02 3.51 12.09
N CYS A 117 10.95 4.78 12.51
CA CYS A 117 11.82 5.22 13.60
C CYS A 117 11.46 4.52 14.90
N GLU A 118 10.16 4.39 15.20
CA GLU A 118 9.70 3.65 16.36
C GLU A 118 10.20 2.21 16.34
N LEU A 119 10.10 1.58 15.17
CA LEU A 119 10.55 0.20 15.02
C LEU A 119 12.05 0.06 15.26
N ALA A 120 12.82 1.06 14.84
CA ALA A 120 14.27 1.00 14.99
C ALA A 120 14.71 1.19 16.43
N GLY A 121 13.90 1.82 17.28
CA GLY A 121 14.22 1.92 18.68
C GLY A 121 14.50 3.33 19.16
N PRO A 122 15.09 3.44 20.35
CA PRO A 122 15.18 4.77 20.99
C PRO A 122 16.08 5.74 20.26
N GLY A 123 17.21 5.29 19.73
CA GLY A 123 18.12 6.21 19.04
C GLY A 123 17.46 6.84 17.83
N ALA A 124 16.81 6.02 17.01
CA ALA A 124 16.16 6.53 15.81
C ALA A 124 14.94 7.37 16.15
N SER A 125 14.21 6.98 17.19
CA SER A 125 13.06 7.77 17.62
C SER A 125 13.50 9.17 18.05
N GLN A 126 14.65 9.27 18.71
CA GLN A 126 15.12 10.57 19.17
C GLN A 126 15.67 11.41 18.02
N ARG A 127 16.51 10.83 17.16
CA ARG A 127 17.09 11.63 16.09
C ARG A 127 16.11 11.84 14.93
N GLN A 128 15.11 10.97 14.81
CA GLN A 128 14.06 11.04 13.78
C GLN A 128 14.59 10.79 12.37
N TRP A 129 15.63 9.97 12.27
CA TRP A 129 16.08 9.43 11.00
C TRP A 129 16.86 8.16 11.28
N LEU A 130 17.05 7.35 10.24
CA LEU A 130 17.54 5.99 10.36
C LEU A 130 19.01 5.86 9.92
N TYR A 131 19.70 4.91 10.54
CA TYR A 131 20.94 4.38 10.00
C TYR A 131 20.65 3.12 9.19
N PHE A 132 21.47 2.88 8.17
CA PHE A 132 21.24 1.72 7.32
C PHE A 132 21.29 0.41 8.09
N THR A 133 22.11 0.32 9.14
CA THR A 133 22.21 -0.91 9.91
C THR A 133 20.94 -1.17 10.69
N GLU A 134 20.25 -0.13 11.14
CA GLU A 134 18.97 -0.32 11.80
C GLU A 134 17.95 -0.91 10.84
N VAL A 135 17.97 -0.44 9.60
CA VAL A 135 17.05 -0.97 8.59
C VAL A 135 17.34 -2.43 8.34
N GLU A 136 18.62 -2.79 8.24
CA GLU A 136 18.98 -4.18 7.97
C GLU A 136 18.44 -5.12 9.02
N LYS A 137 18.29 -4.65 10.26
CA LYS A 137 17.85 -5.46 11.39
C LYS A 137 16.37 -5.32 11.72
N PHE A 138 15.61 -4.57 10.92
CA PHE A 138 14.17 -4.51 11.15
C PHE A 138 13.59 -5.93 11.13
N PRO A 139 12.59 -6.21 11.95
CA PRO A 139 11.86 -7.47 11.79
C PRO A 139 11.07 -7.48 10.50
N ALA A 140 11.09 -8.62 9.82
CA ALA A 140 10.37 -8.74 8.56
C ALA A 140 8.87 -8.52 8.75
N LEU A 141 8.31 -8.98 9.86
CA LEU A 141 6.86 -8.94 10.02
C LEU A 141 6.33 -7.51 9.90
N ASP A 142 6.96 -6.56 10.58
CA ASP A 142 6.50 -5.18 10.52
C ASP A 142 6.61 -4.61 9.13
N LEU A 143 7.71 -4.89 8.45
CA LEU A 143 7.85 -4.40 7.08
C LEU A 143 6.77 -4.97 6.18
N HIS A 144 6.43 -6.24 6.38
CA HIS A 144 5.37 -6.88 5.63
C HIS A 144 4.02 -6.20 5.88
N THR A 145 3.68 -5.95 7.15
CA THR A 145 2.44 -5.26 7.46
C THR A 145 2.37 -3.88 6.81
N ILE A 146 3.42 -3.10 6.99
CA ILE A 146 3.47 -1.74 6.44
C ILE A 146 3.32 -1.80 4.93
N ASN A 147 4.10 -2.65 4.29
CA ASN A 147 4.05 -2.73 2.83
C ASN A 147 2.70 -3.22 2.35
N ALA A 148 2.15 -4.25 2.99
CA ALA A 148 0.86 -4.78 2.59
C ALA A 148 -0.20 -3.69 2.61
N LEU A 149 -0.19 -2.84 3.65
CA LEU A 149 -1.18 -1.78 3.71
C LEU A 149 -1.01 -0.82 2.53
N TRP A 150 0.21 -0.37 2.28
CA TRP A 150 0.43 0.53 1.15
C TRP A 150 -0.03 -0.07 -0.15
N TRP A 151 0.29 -1.34 -0.38
CA TRP A 151 0.02 -2.02 -1.64
C TRP A 151 -1.48 -2.26 -1.80
N LEU A 152 -2.12 -2.78 -0.76
CA LEU A 152 -3.55 -3.10 -0.83
C LEU A 152 -4.41 -1.88 -1.04
N HIS A 153 -3.98 -0.72 -0.52
CA HIS A 153 -4.76 0.50 -0.56
C HIS A 153 -4.35 1.43 -1.69
N SER A 154 -3.51 0.96 -2.61
CA SER A 154 -3.06 1.75 -3.75
C SER A 154 -3.18 0.99 -5.06
N ASN A 155 -3.99 -0.08 -5.07
CA ASN A 155 -4.10 -0.94 -6.26
C ASN A 155 -2.74 -1.45 -6.72
N GLY A 156 -1.84 -1.69 -5.77
CA GLY A 156 -0.52 -2.18 -6.06
C GLY A 156 0.46 -1.15 -6.59
N ASN A 157 0.10 0.14 -6.60
CA ASN A 157 0.92 1.21 -7.16
CA ASN A 157 1.02 1.09 -7.18
C ASN A 157 2.02 1.66 -6.20
N PHE A 158 1.76 1.58 -4.89
CA PHE A 158 2.67 2.09 -3.88
C PHE A 158 3.16 0.96 -2.97
N GLY A 159 4.30 1.20 -2.34
CA GLY A 159 4.93 0.24 -1.45
C GLY A 159 6.42 0.15 -1.72
N PHE A 160 7.18 -0.15 -0.67
CA PHE A 160 8.59 -0.44 -0.84
C PHE A 160 8.81 -1.64 -1.77
N SER A 161 7.88 -2.61 -1.76
CA SER A 161 8.03 -3.76 -2.65
C SER A 161 8.01 -3.33 -4.11
N VAL A 162 7.18 -2.32 -4.41
CA VAL A 162 7.03 -1.81 -5.77
C VAL A 162 8.32 -1.12 -6.19
N GLN A 163 8.86 -0.29 -5.31
CA GLN A 163 10.14 0.35 -5.55
C GLN A 163 11.24 -0.68 -5.77
N ARG A 164 11.26 -1.71 -4.93
CA ARG A 164 12.30 -2.73 -5.07
C ARG A 164 12.22 -3.38 -6.44
N ARG A 165 11.02 -3.72 -6.91
CA ARG A 165 10.89 -4.37 -8.21
C ARG A 165 11.34 -3.43 -9.33
N LEU A 166 11.03 -2.14 -9.22
CA LEU A 166 11.50 -1.18 -10.22
C LEU A 166 13.01 -1.01 -10.16
N TRP A 167 13.58 -1.06 -8.95
CA TRP A 167 15.03 -0.99 -8.79
C TRP A 167 15.71 -2.20 -9.43
N LEU A 168 15.18 -3.40 -9.19
CA LEU A 168 15.68 -4.59 -9.88
C LEU A 168 15.55 -4.44 -11.39
N ALA A 169 14.41 -3.95 -11.86
CA ALA A 169 14.21 -3.81 -13.30
C ALA A 169 15.27 -2.91 -13.91
N SER A 170 15.72 -1.92 -13.16
CA SER A 170 16.73 -0.96 -13.57
CA SER A 170 16.73 -0.97 -13.60
C SER A 170 18.16 -1.48 -13.39
N GLY A 171 18.34 -2.76 -13.12
CA GLY A 171 19.67 -3.26 -12.87
C GLY A 171 20.30 -2.77 -11.59
N LYS A 172 19.47 -2.41 -10.60
CA LYS A 172 19.92 -1.88 -9.33
C LYS A 172 20.63 -0.53 -9.47
N GLU A 173 20.29 0.24 -10.50
CA GLU A 173 20.88 1.55 -10.75
C GLU A 173 19.97 2.63 -10.16
N PHE A 174 20.37 3.17 -9.01
CA PHE A 174 19.52 4.18 -8.37
C PHE A 174 19.29 5.39 -9.25
N THR A 175 20.27 5.77 -10.09
CA THR A 175 20.06 6.92 -10.95
C THR A 175 18.97 6.68 -11.98
N LYS A 176 18.68 5.42 -12.33
CA LYS A 176 17.55 5.12 -13.18
C LYS A 176 16.26 5.02 -12.37
N LEU A 177 16.36 4.63 -11.10
CA LEU A 177 15.16 4.47 -10.28
C LEU A 177 14.49 5.81 -10.02
N TRP A 178 15.27 6.84 -9.67
CA TRP A 178 14.63 8.09 -9.23
C TRP A 178 13.69 8.68 -10.25
N PRO A 179 14.07 8.80 -11.53
CA PRO A 179 13.10 9.33 -12.50
C PRO A 179 11.91 8.43 -12.68
N LYS A 180 12.13 7.12 -12.63
CA LYS A 180 11.02 6.19 -12.81
CA LYS A 180 11.03 6.18 -12.79
C LYS A 180 9.94 6.41 -11.75
N ILE A 181 10.34 6.65 -10.49
CA ILE A 181 9.37 6.81 -9.41
C ILE A 181 9.05 8.27 -9.12
N GLY A 182 9.58 9.20 -9.92
CA GLY A 182 9.20 10.60 -9.80
C GLY A 182 9.94 11.39 -8.74
N TRP A 183 11.07 10.90 -8.23
CA TRP A 183 11.83 11.61 -7.21
C TRP A 183 12.88 12.54 -7.79
N LYS A 184 13.17 12.40 -9.08
CA LYS A 184 14.03 13.31 -9.80
C LYS A 184 13.48 13.47 -11.21
N SER A 185 13.68 14.63 -11.80
CA SER A 185 13.27 14.92 -13.17
C SER A 185 14.49 15.54 -13.84
N GLY A 186 15.20 14.76 -14.65
CA GLY A 186 16.48 15.20 -15.16
C GLY A 186 17.39 15.57 -14.01
N ASN A 187 17.83 16.82 -14.01
CA ASN A 187 18.72 17.35 -12.97
C ASN A 187 18.00 17.79 -11.71
N VAL A 188 16.67 17.79 -11.70
CA VAL A 188 15.89 18.43 -10.65
C VAL A 188 15.41 17.37 -9.67
N TRP A 189 15.88 17.43 -8.43
CA TRP A 189 15.34 16.59 -7.36
C TRP A 189 13.97 17.13 -6.95
N THR A 190 12.99 16.25 -6.83
CA THR A 190 11.65 16.66 -6.42
C THR A 190 11.69 17.19 -4.99
N ARG A 191 11.12 18.39 -4.78
CA ARG A 191 11.22 19.03 -3.48
C ARG A 191 10.14 18.52 -2.53
N TRP A 192 10.54 18.27 -1.29
CA TRP A 192 9.63 17.74 -0.28
C TRP A 192 9.05 18.86 0.56
N PRO A 193 7.72 18.86 0.84
CA PRO A 193 6.72 17.92 0.34
C PRO A 193 5.99 18.36 -0.93
N LYS A 194 6.13 19.63 -1.29
CA LYS A 194 5.20 20.22 -2.25
C LYS A 194 5.36 19.65 -3.65
N GLY A 195 6.55 19.18 -4.01
CA GLY A 195 6.76 18.65 -5.34
C GLY A 195 6.22 17.27 -5.57
N PHE A 196 5.84 16.55 -4.52
CA PHE A 196 5.39 15.18 -4.64
C PHE A 196 3.90 15.13 -4.98
N THR A 197 3.48 13.99 -5.50
CA THR A 197 2.11 13.75 -5.95
C THR A 197 1.45 12.82 -4.97
N TRP A 198 0.54 13.36 -4.17
CA TRP A 198 -0.03 12.65 -3.02
C TRP A 198 -1.32 11.93 -3.38
N ASP A 199 -1.42 11.35 -4.57
CA ASP A 199 -2.61 10.66 -5.01
C ASP A 199 -2.22 9.60 -6.03
N LEU A 200 -3.21 8.83 -6.49
CA LEU A 200 -2.92 7.68 -7.35
C LEU A 200 -2.60 8.06 -8.79
N SER A 201 -2.59 9.35 -9.14
CA SER A 201 -2.03 9.73 -10.42
C SER A 201 -0.51 9.68 -10.42
N ALA A 202 0.10 9.50 -9.24
CA ALA A 202 1.55 9.44 -9.14
C ALA A 202 2.09 8.21 -9.86
N PRO A 203 3.34 8.24 -10.27
CA PRO A 203 3.93 7.06 -10.90
C PRO A 203 3.99 5.88 -9.94
N GLN A 204 4.00 4.68 -10.53
CA GLN A 204 4.21 3.48 -9.75
C GLN A 204 5.48 3.62 -8.92
N GLY A 205 5.38 3.28 -7.64
CA GLY A 205 6.50 3.35 -6.73
C GLY A 205 6.76 4.71 -6.11
N HIS A 206 5.90 5.70 -6.36
CA HIS A 206 6.20 7.05 -5.89
C HIS A 206 6.29 7.14 -4.36
N LEU A 207 5.49 6.34 -3.66
CA LEU A 207 5.41 6.37 -2.21
C LEU A 207 5.58 4.95 -1.69
N PRO A 208 6.04 4.79 -0.42
CA PRO A 208 6.44 5.84 0.53
C PRO A 208 7.79 6.47 0.18
N LEU A 209 8.01 7.67 0.67
CA LEU A 209 9.26 8.36 0.41
C LEU A 209 10.41 7.87 1.28
N LEU A 210 11.61 7.94 0.70
CA LEU A 210 12.87 7.70 1.40
C LEU A 210 13.77 8.89 1.10
N ASN A 211 13.83 9.84 2.04
CA ASN A 211 14.66 11.04 1.88
C ASN A 211 16.07 10.64 1.46
N GLN A 212 16.63 11.36 0.48
CA GLN A 212 17.99 11.09 -0.01
C GLN A 212 19.02 12.05 0.57
N LEU A 213 18.63 12.90 1.52
CA LEU A 213 19.55 13.85 2.16
C LEU A 213 20.79 13.16 2.72
N ARG A 214 20.64 11.96 3.26
CA ARG A 214 21.75 11.21 3.84
C ARG A 214 22.16 10.04 2.95
N GLY A 215 21.89 10.14 1.66
CA GLY A 215 22.33 9.14 0.72
C GLY A 215 21.42 7.94 0.63
N VAL A 216 21.84 7.00 -0.23
CA VAL A 216 20.98 5.89 -0.62
CA VAL A 216 21.01 5.87 -0.66
C VAL A 216 21.10 4.68 0.28
N ARG A 217 21.96 4.71 1.30
CA ARG A 217 22.28 3.49 2.06
C ARG A 217 21.03 2.90 2.70
N VAL A 218 20.18 3.74 3.27
CA VAL A 218 18.96 3.25 3.89
C VAL A 218 18.06 2.56 2.85
N ALA A 219 17.86 3.20 1.70
CA ALA A 219 17.02 2.60 0.67
C ALA A 219 17.57 1.28 0.20
N GLU A 220 18.88 1.20 -0.02
CA GLU A 220 19.47 -0.05 -0.49
C GLU A 220 19.30 -1.14 0.55
N SER A 221 19.57 -0.83 1.82
CA SER A 221 19.39 -1.82 2.86
C SER A 221 17.94 -2.26 2.95
N LEU A 222 17.01 -1.33 2.76
CA LEU A 222 15.60 -1.70 2.79
C LEU A 222 15.25 -2.64 1.65
N TYR A 223 15.69 -2.30 0.43
CA TYR A 223 15.34 -3.14 -0.73
C TYR A 223 16.02 -4.49 -0.69
N ARG A 224 17.17 -4.62 -0.02
CA ARG A 224 17.87 -5.89 0.11
C ARG A 224 17.41 -6.70 1.31
N HIS A 225 16.49 -6.18 2.12
CA HIS A 225 16.06 -6.86 3.33
C HIS A 225 15.39 -8.18 2.98
N PRO A 226 15.59 -9.23 3.79
CA PRO A 226 15.00 -10.55 3.48
C PRO A 226 13.47 -10.60 3.45
N VAL A 227 12.77 -9.60 4.00
CA VAL A 227 11.31 -9.65 4.05
C VAL A 227 10.72 -9.91 2.67
N TRP A 228 11.26 -9.28 1.63
CA TRP A 228 10.57 -9.31 0.35
C TRP A 228 10.50 -10.72 -0.22
N SER A 229 11.64 -11.40 -0.27
CA SER A 229 11.63 -12.79 -0.73
CA SER A 229 11.61 -12.78 -0.74
C SER A 229 10.87 -13.69 0.22
N GLN A 230 10.97 -13.41 1.52
CA GLN A 230 10.32 -14.28 2.51
C GLN A 230 8.82 -14.32 2.30
N TYR A 231 8.21 -13.18 2.01
CA TYR A 231 6.76 -13.05 1.90
C TYR A 231 6.29 -13.00 0.44
N GLY A 232 7.18 -13.24 -0.53
CA GLY A 232 6.76 -13.32 -1.91
C GLY A 232 6.47 -11.99 -2.58
N TRP A 233 7.07 -10.90 -2.09
CA TRP A 233 6.94 -9.58 -2.70
C TRP A 233 7.89 -9.38 -3.87
#